data_2HE2
#
_entry.id   2HE2
#
_cell.length_a   56.155
_cell.length_b   56.070
_cell.length_c   60.472
_cell.angle_alpha   90.00
_cell.angle_beta   90.00
_cell.angle_gamma   90.00
#
_symmetry.space_group_name_H-M   'P 21 21 21'
#
loop_
_entity.id
_entity.type
_entity.pdbx_description
1 polymer 'Discs large homolog 2'
2 water water
#
_entity_poly.entity_id   1
_entity_poly.type   'polypeptide(L)'
_entity_poly.pdbx_seq_one_letter_code
;SMEPRKVVLHKGSTGLGFNIVGGEDGEGIFVSFILAGGPADLSGELQRGDQILSVNGIDLRGASHEQAAAALKGAGQTVT
IIAQYQPEDYARFEAKIHETSV
;
_entity_poly.pdbx_strand_id   A,B
#
# COMPACT_ATOMS: atom_id res chain seq x y z
N SER A 1 2.63 1.24 25.69
CA SER A 1 1.32 1.36 25.00
C SER A 1 0.15 1.05 25.94
N MET A 2 -1.03 1.53 25.59
CA MET A 2 -2.24 1.19 26.33
CA MET A 2 -2.27 1.18 26.28
C MET A 2 -2.49 -0.31 26.14
N GLU A 3 -3.05 -0.92 27.17
CA GLU A 3 -3.37 -2.32 27.13
C GLU A 3 -4.49 -2.58 26.13
N PRO A 4 -4.50 -3.78 25.52
CA PRO A 4 -5.66 -4.17 24.72
C PRO A 4 -6.90 -4.20 25.59
N ARG A 5 -8.04 -3.97 24.97
CA ARG A 5 -9.31 -4.10 25.67
C ARG A 5 -10.39 -4.64 24.74
N LYS A 6 -11.46 -5.12 25.36
CA LYS A 6 -12.58 -5.72 24.65
C LYS A 6 -13.63 -4.66 24.33
N VAL A 7 -14.10 -4.69 23.08
CA VAL A 7 -15.11 -3.78 22.56
C VAL A 7 -16.16 -4.62 21.85
N VAL A 8 -17.42 -4.48 22.25
CA VAL A 8 -18.49 -5.24 21.63
C VAL A 8 -19.44 -4.28 20.93
N LEU A 9 -19.71 -4.54 19.65
CA LEU A 9 -20.57 -3.71 18.82
C LEU A 9 -21.65 -4.57 18.19
N HIS A 10 -22.78 -3.94 17.86
CA HIS A 10 -23.88 -4.64 17.20
C HIS A 10 -24.09 -3.98 15.85
N LYS A 11 -23.82 -4.73 14.78
CA LYS A 11 -23.97 -4.22 13.43
C LYS A 11 -25.39 -3.74 13.18
N GLY A 12 -25.51 -2.73 12.32
CA GLY A 12 -26.79 -2.23 11.87
C GLY A 12 -26.80 -2.00 10.37
N SER A 13 -27.52 -0.96 9.97
CA SER A 13 -27.77 -0.73 8.55
CA SER A 13 -27.78 -0.59 8.57
C SER A 13 -26.52 -0.41 7.76
N THR A 14 -25.43 -0.01 8.44
CA THR A 14 -24.14 0.30 7.83
C THR A 14 -23.04 -0.53 8.50
N GLY A 15 -23.41 -1.72 8.98
CA GLY A 15 -22.46 -2.60 9.59
C GLY A 15 -22.02 -2.05 10.93
N LEU A 16 -20.75 -2.30 11.26
CA LEU A 16 -20.15 -1.82 12.48
C LEU A 16 -19.89 -0.33 12.45
N GLY A 17 -19.82 0.24 11.25
CA GLY A 17 -19.60 1.69 11.13
C GLY A 17 -18.14 2.11 11.25
N PHE A 18 -17.22 1.29 10.73
CA PHE A 18 -15.83 1.72 10.64
C PHE A 18 -15.12 1.07 9.49
N ASN A 19 -13.98 1.66 9.13
CA ASN A 19 -13.13 1.12 8.07
C ASN A 19 -11.86 0.55 8.66
N ILE A 20 -11.32 -0.45 7.99
CA ILE A 20 -10.00 -0.95 8.33
C ILE A 20 -9.04 -0.73 7.15
N VAL A 21 -7.79 -0.55 7.52
CA VAL A 21 -6.65 -0.50 6.63
C VAL A 21 -5.56 -1.42 7.21
N GLY A 22 -4.46 -1.58 6.49
CA GLY A 22 -3.39 -2.47 6.92
C GLY A 22 -3.60 -3.92 6.50
N GLY A 23 -2.86 -4.81 7.12
CA GLY A 23 -2.86 -6.21 6.69
C GLY A 23 -2.18 -6.41 5.35
N GLU A 24 -1.28 -5.51 5.04
CA GLU A 24 -0.45 -5.52 3.84
C GLU A 24 0.89 -4.91 4.22
N ASP A 25 1.92 -5.24 3.45
CA ASP A 25 3.27 -4.72 3.69
C ASP A 25 3.76 -4.96 5.12
N GLY A 26 3.31 -6.07 5.71
CA GLY A 26 3.71 -6.43 7.07
C GLY A 26 3.05 -5.65 8.20
N GLU A 27 1.99 -4.92 7.87
CA GLU A 27 1.36 -4.01 8.82
C GLU A 27 0.17 -4.70 9.50
N GLY A 28 -0.13 -4.24 10.72
CA GLY A 28 -1.33 -4.66 11.43
C GLY A 28 -2.61 -4.17 10.80
N ILE A 29 -3.74 -4.52 11.42
CA ILE A 29 -5.06 -4.09 10.99
C ILE A 29 -5.44 -2.88 11.84
N PHE A 30 -5.69 -1.75 11.20
CA PHE A 30 -6.00 -0.51 11.90
C PHE A 30 -7.37 0.02 11.54
N VAL A 31 -7.97 0.71 12.51
CA VAL A 31 -9.18 1.48 12.28
C VAL A 31 -8.77 2.80 11.63
N SER A 32 -9.27 3.07 10.43
CA SER A 32 -8.89 4.26 9.67
C SER A 32 -9.96 5.37 9.68
N PHE A 33 -11.18 5.02 10.06
CA PHE A 33 -12.35 5.89 9.86
C PHE A 33 -13.50 5.32 10.65
N ILE A 34 -14.22 6.24 11.31
CA ILE A 34 -15.40 5.88 12.06
CA ILE A 34 -15.39 5.94 12.13
C ILE A 34 -16.56 6.70 11.52
N LEU A 35 -17.60 5.99 11.12
CA LEU A 35 -18.74 6.58 10.45
C LEU A 35 -19.60 7.31 11.47
N ALA A 36 -19.82 8.61 11.26
CA ALA A 36 -20.65 9.40 12.17
C ALA A 36 -22.03 8.77 12.31
N GLY A 37 -22.44 8.55 13.55
CA GLY A 37 -23.75 8.00 13.86
C GLY A 37 -23.82 6.49 13.86
N GLY A 38 -22.78 5.83 13.37
CA GLY A 38 -22.74 4.37 13.33
C GLY A 38 -22.49 3.72 14.69
N PRO A 39 -22.60 2.39 14.77
CA PRO A 39 -22.41 1.72 16.06
C PRO A 39 -21.05 2.03 16.71
N ALA A 40 -19.96 1.98 15.95
CA ALA A 40 -18.65 2.27 16.52
C ALA A 40 -18.63 3.68 17.10
N ASP A 41 -19.18 4.64 16.35
CA ASP A 41 -19.22 6.03 16.83
C ASP A 41 -20.03 6.17 18.13
N LEU A 42 -21.26 5.70 18.10
CA LEU A 42 -22.14 5.84 19.26
C LEU A 42 -21.58 5.15 20.50
N SER A 43 -20.83 4.06 20.34
CA SER A 43 -20.23 3.37 21.48
C SER A 43 -19.16 4.22 22.20
N GLY A 44 -18.43 5.02 21.41
CA GLY A 44 -17.32 5.80 21.93
C GLY A 44 -16.12 4.98 22.33
N GLU A 45 -16.10 3.71 21.95
CA GLU A 45 -15.06 2.77 22.41
C GLU A 45 -14.03 2.34 21.37
N LEU A 46 -14.09 2.90 20.17
CA LEU A 46 -13.06 2.71 19.13
C LEU A 46 -12.66 4.08 18.61
N GLN A 47 -11.40 4.19 18.20
CA GLN A 47 -10.87 5.41 17.58
C GLN A 47 -9.90 5.08 16.46
N ARG A 48 -9.67 6.05 15.58
CA ARG A 48 -8.68 5.89 14.53
C ARG A 48 -7.34 5.58 15.19
N GLY A 49 -6.61 4.61 14.62
CA GLY A 49 -5.34 4.22 15.21
C GLY A 49 -5.40 3.08 16.19
N ASP A 50 -6.61 2.65 16.53
CA ASP A 50 -6.76 1.34 17.17
C ASP A 50 -6.34 0.24 16.23
N GLN A 51 -5.56 -0.71 16.75
CA GLN A 51 -5.26 -1.93 16.04
C GLN A 51 -6.27 -2.99 16.45
N ILE A 52 -6.80 -3.72 15.46
CA ILE A 52 -7.74 -4.80 15.71
C ILE A 52 -6.91 -6.08 15.90
N LEU A 53 -6.93 -6.63 17.12
CA LEU A 53 -6.12 -7.82 17.44
C LEU A 53 -6.88 -9.12 17.30
N SER A 54 -8.20 -9.09 17.54
CA SER A 54 -9.02 -10.26 17.31
CA SER A 54 -9.04 -10.28 17.43
C SER A 54 -10.49 -9.89 17.16
N VAL A 55 -11.21 -10.76 16.46
CA VAL A 55 -12.63 -10.57 16.14
C VAL A 55 -13.33 -11.90 16.39
N ASN A 56 -14.24 -11.92 17.37
CA ASN A 56 -14.96 -13.13 17.74
C ASN A 56 -14.01 -14.33 17.86
N GLY A 57 -12.90 -14.11 18.55
CA GLY A 57 -11.94 -15.16 18.84
C GLY A 57 -11.03 -15.53 17.68
N ILE A 58 -11.17 -14.86 16.54
CA ILE A 58 -10.26 -15.04 15.42
C ILE A 58 -9.09 -14.10 15.61
N ASP A 59 -7.90 -14.65 15.79
CA ASP A 59 -6.67 -13.86 15.98
C ASP A 59 -6.28 -13.14 14.69
N LEU A 60 -6.26 -11.82 14.74
CA LEU A 60 -5.89 -10.99 13.56
C LEU A 60 -4.52 -10.35 13.71
N ARG A 61 -3.78 -10.76 14.74
CA ARG A 61 -2.39 -10.44 14.85
C ARG A 61 -1.70 -11.17 13.68
N GLY A 62 -1.03 -10.41 12.85
CA GLY A 62 -0.42 -10.92 11.64
C GLY A 62 -1.37 -11.23 10.50
N ALA A 63 -2.66 -10.93 10.62
CA ALA A 63 -3.62 -11.28 9.56
C ALA A 63 -3.46 -10.38 8.33
N SER A 64 -3.81 -10.94 7.17
CA SER A 64 -3.88 -10.16 5.95
C SER A 64 -5.15 -9.29 5.97
N HIS A 65 -5.17 -8.28 5.11
CA HIS A 65 -6.34 -7.45 4.94
C HIS A 65 -7.56 -8.34 4.66
N GLU A 66 -7.38 -9.34 3.78
CA GLU A 66 -8.47 -10.23 3.40
C GLU A 66 -8.99 -11.04 4.56
N GLN A 67 -8.09 -11.55 5.39
CA GLN A 67 -8.48 -12.33 6.55
C GLN A 67 -9.26 -11.47 7.55
N ALA A 68 -8.82 -10.22 7.73
CA ALA A 68 -9.48 -9.32 8.68
C ALA A 68 -10.86 -8.94 8.13
N ALA A 69 -10.94 -8.59 6.84
CA ALA A 69 -12.22 -8.24 6.21
C ALA A 69 -13.18 -9.42 6.30
N ALA A 70 -12.68 -10.64 6.06
CA ALA A 70 -13.54 -11.82 6.13
C ALA A 70 -14.07 -12.07 7.55
N ALA A 71 -13.22 -11.88 8.56
CA ALA A 71 -13.62 -12.06 9.96
C ALA A 71 -14.70 -11.03 10.35
N LEU A 72 -14.45 -9.77 10.00
CA LEU A 72 -15.36 -8.68 10.37
C LEU A 72 -16.69 -8.76 9.61
N LYS A 73 -16.63 -8.98 8.31
CA LYS A 73 -17.83 -8.98 7.46
C LYS A 73 -18.61 -10.27 7.57
N GLY A 74 -17.89 -11.38 7.74
CA GLY A 74 -18.52 -12.67 7.92
C GLY A 74 -19.21 -12.87 9.25
N ALA A 75 -18.80 -12.10 10.25
CA ALA A 75 -19.40 -12.15 11.58
C ALA A 75 -20.88 -11.80 11.49
N GLY A 76 -21.69 -12.39 12.37
CA GLY A 76 -23.06 -11.91 12.58
C GLY A 76 -23.05 -10.58 13.30
N GLN A 77 -24.20 -10.12 13.76
CA GLN A 77 -24.29 -8.71 14.12
C GLN A 77 -23.49 -8.37 15.37
N THR A 78 -23.46 -9.27 16.36
CA THR A 78 -22.71 -8.99 17.59
C THR A 78 -21.26 -9.38 17.37
N VAL A 79 -20.37 -8.37 17.39
CA VAL A 79 -18.97 -8.58 17.13
C VAL A 79 -18.14 -8.18 18.35
N THR A 80 -17.39 -9.15 18.86
CA THR A 80 -16.54 -8.98 20.03
C THR A 80 -15.11 -8.78 19.56
N ILE A 81 -14.60 -7.56 19.74
CA ILE A 81 -13.30 -7.14 19.23
C ILE A 81 -12.33 -6.95 20.39
N ILE A 82 -11.11 -7.42 20.24
CA ILE A 82 -10.00 -7.01 21.11
C ILE A 82 -9.21 -6.00 20.28
N ALA A 83 -9.17 -4.77 20.79
CA ALA A 83 -8.50 -3.65 20.15
C ALA A 83 -7.40 -3.08 21.05
N GLN A 84 -6.37 -2.53 20.43
CA GLN A 84 -5.28 -1.90 21.19
C GLN A 84 -4.84 -0.63 20.48
N TYR A 85 -4.89 0.48 21.20
CA TYR A 85 -4.52 1.76 20.64
C TYR A 85 -3.03 1.77 20.29
N GLN A 86 -2.71 2.04 19.03
CA GLN A 86 -1.32 1.99 18.53
C GLN A 86 -1.04 3.26 17.70
N PRO A 87 -1.05 4.41 18.36
CA PRO A 87 -1.01 5.69 17.67
C PRO A 87 0.26 5.95 16.88
N GLU A 88 1.41 5.52 17.41
CA GLU A 88 2.69 5.78 16.75
C GLU A 88 2.82 4.87 15.52
N ASP A 89 2.43 3.61 15.65
CA ASP A 89 2.50 2.67 14.52
C ASP A 89 1.55 3.16 13.43
N TYR A 90 0.36 3.58 13.83
CA TYR A 90 -0.61 4.04 12.84
C TYR A 90 -0.14 5.33 12.14
N ALA A 91 0.43 6.26 12.91
CA ALA A 91 0.96 7.51 12.35
C ALA A 91 2.01 7.20 11.29
N ARG A 92 2.88 6.24 11.59
CA ARG A 92 3.88 5.84 10.62
C ARG A 92 3.24 5.26 9.37
N PHE A 93 2.30 4.34 9.58
CA PHE A 93 1.54 3.75 8.48
C PHE A 93 0.96 4.81 7.53
N GLU A 94 0.33 5.83 8.11
CA GLU A 94 -0.36 6.82 7.29
CA GLU A 94 -0.36 6.90 7.38
C GLU A 94 0.59 7.71 6.49
N ALA A 95 1.83 7.85 6.96
CA ALA A 95 2.85 8.66 6.30
C ALA A 95 3.70 7.92 5.25
N LYS A 96 3.47 6.63 5.09
CA LYS A 96 4.29 5.84 4.17
C LYS A 96 4.18 6.35 2.73
N ILE A 97 5.25 6.18 1.98
CA ILE A 97 5.31 6.65 0.61
C ILE A 97 5.02 5.48 -0.31
N HIS A 98 4.02 5.65 -1.17
CA HIS A 98 3.58 4.61 -2.11
C HIS A 98 3.95 4.86 -3.57
N GLU A 99 4.20 6.12 -3.91
CA GLU A 99 4.53 6.49 -5.29
C GLU A 99 5.59 7.57 -5.27
N THR A 100 6.60 7.41 -6.13
CA THR A 100 7.74 8.33 -6.19
C THR A 100 8.02 8.76 -7.60
N SER A 101 8.09 10.07 -7.80
CA SER A 101 8.50 10.65 -9.08
C SER A 101 10.00 10.66 -9.17
N VAL A 102 10.52 10.06 -10.23
CA VAL A 102 11.96 9.92 -10.44
C VAL A 102 12.40 10.55 -11.76
N MET B 2 6.32 -9.29 -22.28
CA MET B 2 7.34 -9.97 -23.11
C MET B 2 8.68 -10.09 -22.36
N GLU B 3 9.77 -10.30 -23.10
CA GLU B 3 11.10 -10.47 -22.49
C GLU B 3 11.64 -9.13 -21.95
N PRO B 4 12.55 -9.20 -20.97
CA PRO B 4 13.17 -7.95 -20.52
C PRO B 4 13.94 -7.31 -21.63
N ARG B 5 14.12 -6.00 -21.52
CA ARG B 5 14.94 -5.28 -22.47
C ARG B 5 15.58 -4.07 -21.82
N LYS B 6 16.63 -3.60 -22.47
CA LYS B 6 17.40 -2.47 -22.01
C LYS B 6 16.77 -1.20 -22.53
N VAL B 7 16.65 -0.24 -21.62
CA VAL B 7 16.20 1.12 -21.90
C VAL B 7 17.22 2.07 -21.29
N VAL B 8 17.89 2.85 -22.11
CA VAL B 8 18.84 3.85 -21.60
C VAL B 8 18.24 5.25 -21.73
N LEU B 9 18.01 5.88 -20.59
CA LEU B 9 17.45 7.22 -20.56
C LEU B 9 18.53 8.24 -20.23
N HIS B 10 18.37 9.41 -20.82
CA HIS B 10 19.25 10.52 -20.53
C HIS B 10 18.35 11.62 -20.02
N LYS B 11 18.57 12.04 -18.79
CA LYS B 11 17.72 13.05 -18.19
CA LYS B 11 17.70 13.07 -18.27
C LYS B 11 18.31 14.44 -18.30
N GLY B 12 17.51 15.39 -17.87
N GLY B 12 17.54 15.40 -17.79
CA GLY B 12 17.97 16.73 -17.58
CA GLY B 12 17.97 16.78 -17.66
C GLY B 12 17.80 16.94 -16.09
C GLY B 12 18.21 17.10 -16.21
N SER B 13 17.58 18.20 -15.73
CA SER B 13 17.71 18.65 -14.34
C SER B 13 16.62 18.20 -13.36
N THR B 14 15.54 17.59 -13.84
CA THR B 14 14.39 17.25 -12.98
C THR B 14 13.97 15.79 -13.07
N GLY B 15 14.94 14.95 -13.41
CA GLY B 15 14.74 13.52 -13.37
C GLY B 15 14.29 12.92 -14.66
N LEU B 16 13.97 11.62 -14.56
CA LEU B 16 13.72 10.75 -15.69
C LEU B 16 12.34 10.92 -16.29
N GLY B 17 11.42 11.48 -15.52
CA GLY B 17 10.08 11.75 -16.02
C GLY B 17 9.14 10.57 -15.93
N PHE B 18 9.25 9.78 -14.87
CA PHE B 18 8.23 8.76 -14.60
C PHE B 18 8.11 8.52 -13.11
N ASN B 19 6.98 7.93 -12.71
CA ASN B 19 6.76 7.52 -11.33
C ASN B 19 6.88 6.02 -11.20
N ILE B 20 7.34 5.60 -10.02
CA ILE B 20 7.31 4.20 -9.63
C ILE B 20 6.33 3.97 -8.47
N VAL B 21 5.72 2.80 -8.51
CA VAL B 21 4.94 2.24 -7.41
C VAL B 21 5.46 0.82 -7.14
N GLY B 22 4.91 0.18 -6.11
CA GLY B 22 5.34 -1.15 -5.73
C GLY B 22 6.52 -1.12 -4.77
N GLY B 23 7.21 -2.24 -4.64
CA GLY B 23 8.27 -2.33 -3.65
C GLY B 23 7.73 -2.32 -2.23
N GLU B 24 6.49 -2.78 -2.10
CA GLU B 24 5.82 -2.93 -0.82
C GLU B 24 4.82 -4.05 -0.98
N ASP B 25 4.44 -4.67 0.14
CA ASP B 25 3.50 -5.79 0.14
C ASP B 25 3.96 -6.90 -0.79
N GLY B 26 5.27 -7.09 -0.92
CA GLY B 26 5.83 -8.16 -1.75
C GLY B 26 5.92 -7.86 -3.23
N GLU B 27 5.40 -6.70 -3.64
CA GLU B 27 5.32 -6.34 -5.05
C GLU B 27 6.66 -5.85 -5.62
N GLY B 28 6.83 -6.07 -6.92
CA GLY B 28 7.94 -5.52 -7.69
C GLY B 28 7.78 -4.03 -7.88
N ILE B 29 8.68 -3.45 -8.66
CA ILE B 29 8.72 -2.01 -8.93
C ILE B 29 8.11 -1.78 -10.31
N PHE B 30 7.02 -1.01 -10.36
CA PHE B 30 6.30 -0.75 -11.60
C PHE B 30 6.30 0.73 -11.96
N VAL B 31 6.31 0.99 -13.26
CA VAL B 31 6.13 2.33 -13.80
C VAL B 31 4.63 2.63 -13.76
N SER B 32 4.23 3.67 -13.03
CA SER B 32 2.80 4.01 -12.85
C SER B 32 2.33 5.18 -13.70
N PHE B 33 3.29 5.96 -14.21
CA PHE B 33 2.99 7.24 -14.84
C PHE B 33 4.20 7.72 -15.62
N ILE B 34 3.97 8.28 -16.80
CA ILE B 34 5.02 8.88 -17.64
C ILE B 34 4.68 10.35 -17.85
N LEU B 35 5.62 11.22 -17.51
CA LEU B 35 5.39 12.66 -17.55
C LEU B 35 5.48 13.17 -18.99
N ALA B 36 4.44 13.85 -19.46
CA ALA B 36 4.44 14.37 -20.82
C ALA B 36 5.67 15.26 -21.06
N GLY B 37 6.39 15.00 -22.15
CA GLY B 37 7.53 15.83 -22.53
C GLY B 37 8.83 15.55 -21.78
N GLY B 38 8.78 14.73 -20.73
CA GLY B 38 9.99 14.31 -20.04
C GLY B 38 10.86 13.30 -20.76
N PRO B 39 12.04 13.02 -20.22
CA PRO B 39 12.93 12.08 -20.89
C PRO B 39 12.30 10.73 -21.22
N ALA B 40 11.56 10.13 -20.28
CA ALA B 40 10.99 8.81 -20.53
C ALA B 40 9.96 8.89 -21.66
N ASP B 41 9.14 9.93 -21.65
CA ASP B 41 8.12 10.12 -22.70
C ASP B 41 8.76 10.28 -24.07
N LEU B 42 9.76 11.17 -24.14
CA LEU B 42 10.40 11.47 -25.40
C LEU B 42 11.09 10.24 -25.99
N SER B 43 11.64 9.38 -25.13
CA SER B 43 12.33 8.18 -25.60
C SER B 43 11.38 7.20 -26.27
N GLY B 44 10.14 7.13 -25.77
CA GLY B 44 9.15 6.20 -26.30
C GLY B 44 9.31 4.74 -25.92
N GLU B 45 10.24 4.42 -25.02
N GLU B 45 10.23 4.49 -24.98
CA GLU B 45 10.57 3.03 -24.71
CA GLU B 45 10.77 3.17 -24.67
C GLU B 45 9.77 2.50 -23.53
C GLU B 45 10.40 2.64 -23.28
N LEU B 46 9.54 3.37 -22.56
CA LEU B 46 9.01 2.92 -21.25
CA LEU B 46 9.03 2.94 -21.27
C LEU B 46 7.52 3.21 -21.28
N GLN B 47 6.76 2.38 -20.57
CA GLN B 47 5.33 2.59 -20.45
C GLN B 47 4.82 2.12 -19.12
N ARG B 48 3.66 2.65 -18.77
CA ARG B 48 2.95 2.25 -17.57
C ARG B 48 2.79 0.74 -17.62
N GLY B 49 3.09 0.10 -16.50
CA GLY B 49 3.04 -1.36 -16.38
C GLY B 49 4.33 -2.09 -16.66
N ASP B 50 5.35 -1.37 -17.10
CA ASP B 50 6.71 -1.92 -17.11
C ASP B 50 7.17 -2.16 -15.68
N GLN B 51 7.79 -3.31 -15.47
CA GLN B 51 8.49 -3.56 -14.22
C GLN B 51 9.96 -3.21 -14.38
N ILE B 52 10.49 -2.50 -13.37
CA ILE B 52 11.90 -2.11 -13.34
C ILE B 52 12.68 -3.21 -12.64
N LEU B 53 13.57 -3.87 -13.38
CA LEU B 53 14.34 -4.99 -12.87
C LEU B 53 15.74 -4.60 -12.40
N SER B 54 16.34 -3.59 -13.02
CA SER B 54 17.66 -3.11 -12.60
C SER B 54 17.93 -1.74 -13.14
N VAL B 55 18.84 -1.04 -12.46
CA VAL B 55 19.22 0.35 -12.80
C VAL B 55 20.73 0.43 -12.69
N ASN B 56 21.40 0.75 -13.79
CA ASN B 56 22.87 0.87 -13.79
C ASN B 56 23.56 -0.34 -13.14
N GLY B 57 23.01 -1.53 -13.43
CA GLY B 57 23.55 -2.78 -12.91
C GLY B 57 23.13 -3.12 -11.49
N ILE B 58 22.41 -2.23 -10.81
CA ILE B 58 21.87 -2.48 -9.48
C ILE B 58 20.58 -3.28 -9.61
N ASP B 59 20.58 -4.48 -9.03
CA ASP B 59 19.43 -5.37 -9.13
C ASP B 59 18.29 -4.82 -8.28
N LEU B 60 17.12 -4.61 -8.89
CA LEU B 60 15.96 -4.13 -8.16
C LEU B 60 14.86 -5.18 -8.11
N ARG B 61 15.13 -6.40 -8.59
CA ARG B 61 14.27 -7.53 -8.37
CA ARG B 61 14.20 -7.47 -8.36
C ARG B 61 14.28 -7.82 -6.87
N GLY B 62 13.17 -7.59 -6.21
CA GLY B 62 13.06 -7.79 -4.79
C GLY B 62 13.32 -6.53 -3.98
N ALA B 63 13.61 -5.42 -4.65
CA ALA B 63 13.94 -4.18 -3.95
C ALA B 63 12.74 -3.63 -3.20
N SER B 64 12.99 -2.99 -2.06
CA SER B 64 11.98 -2.16 -1.43
C SER B 64 11.74 -0.92 -2.26
N HIS B 65 10.61 -0.27 -2.03
CA HIS B 65 10.34 1.02 -2.68
C HIS B 65 11.49 1.98 -2.43
N GLU B 66 11.95 2.03 -1.17
CA GLU B 66 13.05 2.92 -0.79
C GLU B 66 14.31 2.66 -1.60
N GLN B 67 14.65 1.39 -1.75
CA GLN B 67 15.84 0.98 -2.51
C GLN B 67 15.71 1.38 -3.96
N ALA B 68 14.52 1.17 -4.52
CA ALA B 68 14.28 1.50 -5.92
C ALA B 68 14.36 3.03 -6.13
N ALA B 69 13.69 3.79 -5.26
CA ALA B 69 13.72 5.25 -5.38
C ALA B 69 15.16 5.76 -5.28
N ALA B 70 15.93 5.22 -4.33
CA ALA B 70 17.33 5.64 -4.11
C ALA B 70 18.19 5.33 -5.33
N ALA B 71 17.96 4.16 -5.93
CA ALA B 71 18.73 3.72 -7.10
C ALA B 71 18.43 4.61 -8.29
N LEU B 72 17.15 4.91 -8.50
CA LEU B 72 16.76 5.71 -9.66
C LEU B 72 17.15 7.19 -9.50
N LYS B 73 16.89 7.76 -8.33
CA LYS B 73 17.27 9.16 -8.05
C LYS B 73 18.79 9.37 -7.98
N GLY B 74 19.50 8.34 -7.53
CA GLY B 74 20.94 8.39 -7.37
C GLY B 74 21.71 8.06 -8.63
N ALA B 75 20.99 7.66 -9.69
CA ALA B 75 21.61 7.06 -10.89
C ALA B 75 22.29 8.06 -11.82
N GLY B 76 22.21 9.35 -11.55
CA GLY B 76 22.96 10.27 -12.44
C GLY B 76 22.35 10.41 -13.83
N GLN B 77 22.97 11.16 -14.73
CA GLN B 77 22.22 11.71 -15.85
C GLN B 77 21.94 10.72 -16.96
N THR B 78 22.76 9.68 -17.05
CA THR B 78 22.56 8.59 -18.02
C THR B 78 22.27 7.32 -17.22
N VAL B 79 21.11 6.74 -17.49
CA VAL B 79 20.57 5.64 -16.67
C VAL B 79 20.21 4.45 -17.55
N THR B 80 20.88 3.32 -17.32
CA THR B 80 20.60 2.08 -18.05
C THR B 80 19.65 1.23 -17.22
N ILE B 81 18.42 1.11 -17.71
CA ILE B 81 17.36 0.36 -17.03
C ILE B 81 17.14 -0.95 -17.75
N ILE B 82 16.95 -2.04 -17.00
CA ILE B 82 16.35 -3.25 -17.58
C ILE B 82 14.90 -3.29 -17.10
N ALA B 83 13.99 -3.32 -18.07
CA ALA B 83 12.56 -3.28 -17.79
C ALA B 83 11.88 -4.47 -18.48
N GLN B 84 10.75 -4.89 -17.94
CA GLN B 84 9.97 -5.97 -18.54
C GLN B 84 8.50 -5.64 -18.40
N TYR B 85 7.79 -5.64 -19.51
CA TYR B 85 6.38 -5.27 -19.49
C TYR B 85 5.58 -6.36 -18.80
N GLN B 86 4.84 -6.01 -17.76
CA GLN B 86 4.09 -6.97 -16.94
C GLN B 86 2.64 -6.52 -16.76
N PRO B 87 1.86 -6.52 -17.86
CA PRO B 87 0.50 -5.98 -17.79
C PRO B 87 -0.44 -6.73 -16.82
N GLU B 88 -0.30 -8.05 -16.72
CA GLU B 88 -1.13 -8.85 -15.80
C GLU B 88 -0.84 -8.47 -14.35
N ASP B 89 0.44 -8.41 -14.01
CA ASP B 89 0.82 -8.13 -12.64
C ASP B 89 0.48 -6.67 -12.28
N TYR B 90 0.69 -5.75 -13.21
CA TYR B 90 0.36 -4.36 -12.93
C TYR B 90 -1.14 -4.15 -12.77
N ALA B 91 -1.93 -4.81 -13.62
CA ALA B 91 -3.39 -4.68 -13.52
C ALA B 91 -3.85 -5.20 -12.15
N ARG B 92 -3.25 -6.29 -11.69
CA ARG B 92 -3.60 -6.85 -10.40
C ARG B 92 -3.22 -5.88 -9.27
N PHE B 93 -2.03 -5.32 -9.37
CA PHE B 93 -1.58 -4.33 -8.41
C PHE B 93 -2.56 -3.18 -8.31
N GLU B 94 -3.01 -2.68 -9.47
CA GLU B 94 -3.94 -1.54 -9.50
C GLU B 94 -5.29 -1.84 -8.89
N ALA B 95 -5.70 -3.10 -8.94
CA ALA B 95 -7.01 -3.54 -8.45
C ALA B 95 -7.02 -3.91 -6.96
N LYS B 96 -5.85 -3.92 -6.31
CA LYS B 96 -5.79 -4.36 -4.92
C LYS B 96 -6.64 -3.46 -4.03
N ILE B 97 -7.21 -4.08 -3.00
CA ILE B 97 -8.01 -3.38 -2.01
C ILE B 97 -7.17 -3.07 -0.79
N HIS B 98 -7.20 -1.80 -0.39
CA HIS B 98 -6.42 -1.30 0.72
C HIS B 98 -7.25 -0.87 1.91
N GLU B 99 -8.54 -0.66 1.69
CA GLU B 99 -9.40 -0.12 2.74
C GLU B 99 -10.76 -0.73 2.57
N THR B 100 -11.33 -1.20 3.67
CA THR B 100 -12.63 -1.89 3.64
C THR B 100 -13.54 -1.37 4.73
N SER B 101 -14.79 -1.05 4.37
CA SER B 101 -15.80 -0.62 5.33
C SER B 101 -16.45 -1.88 5.92
N VAL B 102 -16.59 -1.92 7.25
CA VAL B 102 -17.17 -3.09 7.93
C VAL B 102 -18.28 -2.66 8.90
#